data_8I7N
#
_entry.id   8I7N
#
_cell.length_a   1.00
_cell.length_b   1.00
_cell.length_c   1.00
_cell.angle_alpha   90.00
_cell.angle_beta   90.00
_cell.angle_gamma   90.00
#
_symmetry.space_group_name_H-M   'P 1'
#
loop_
_entity.id
_entity.type
_entity.pdbx_description
1 polymer "The Tet-S1 state molecule of co-transcriptional folded G264A mutated Tetrahymena group I intron with 6nt 3'/5'-exon and 2-aminopurine nucleoside"
2 non-polymer 'MAGNESIUM ION'
3 non-polymer SPERMIDINE
4 non-polymer (2R,3R,4S,5R)-2-(2-azanylpurin-9-yl)-5-(hydroxymethyl)oxolane-3,4-diol
#
_entity_poly.entity_id   1
_entity_poly.type   'polyribonucleotide'
_entity_poly.pdbx_seq_one_letter_code
;CUCUCUAAAUAGCAAUAUUUACCUUUGGAGGGAAAAGUUAUCAGGCAUGCACCUGGUAGCUAGUCUUUAAACCAAUAGAU
UGCAUCGGUUUAAAAGGCAAGACCGUCAAAUUGCGGGAAAGGGGUCAACAGCCGUUCAGUACCAAGUCUCAGGGGAAACU
UUGAGAUGGCCUUGCAAAGGGUAUGGUAAUAAGCUGACGGACAUGGUCCUAACCACGCAGCCAAGUCCUAAGUCAACAGA
UCUUCUGUUGAUAUGGAUGCAGUUCACAAACUAAAUGUCGGUCGGGGAAGAUGUAUUCUUCUCAUAAGAUAUAGUCGGAC
CUCUCCUUAAUGGGAGCUAGCGGAUGAAGUGAUGCAACACUGGAGCCGCUGGGAACUAAUUUGUAUGCGAAAGUAUAUUG
AUUAGUUUUGGAGUACUC
;
_entity_poly.pdbx_strand_id   N
#